data_3ZIV
#
_entry.id   3ZIV
#
_cell.length_a   37.650
_cell.length_b   48.850
_cell.length_c   91.170
_cell.angle_alpha   90.00
_cell.angle_beta   93.23
_cell.angle_gamma   90.00
#
_symmetry.space_group_name_H-M   'P 1 21 1'
#
loop_
_entity.id
_entity.type
_entity.pdbx_description
1 polymer 'AECA THIOREDOXIN'
2 water water
#
_entity_poly.entity_id   1
_entity_poly.type   'polypeptide(L)'
_entity_poly.pdbx_seq_one_letter_code
;MSVIEINDENFDEVIKKSDKVVVVDFWAEWCGPCRMIAPIIEELAEEYAGKVVFGKVNVDENPEIAAKYGIMSIPTLLFF
KNGKVVDQLVGARPKEALKERIKKYL
;
_entity_poly.pdbx_strand_id   A,B,C
#
# COMPACT_ATOMS: atom_id res chain seq x y z
N SER A 2 17.13 -3.91 11.19
CA SER A 2 17.88 -3.33 10.08
C SER A 2 17.87 -4.22 8.82
N VAL A 3 17.08 -3.82 7.83
CA VAL A 3 17.02 -4.54 6.56
C VAL A 3 18.33 -4.43 5.78
N ILE A 4 19.18 -5.45 5.83
CA ILE A 4 20.47 -5.40 5.13
C ILE A 4 20.28 -5.34 3.59
N GLU A 5 21.13 -4.57 2.91
CA GLU A 5 21.09 -4.48 1.45
C GLU A 5 21.90 -5.64 0.88
N ILE A 6 21.19 -6.63 0.34
CA ILE A 6 21.86 -7.81 -0.19
C ILE A 6 22.30 -7.65 -1.64
N ASN A 7 23.59 -7.82 -1.87
N ASN A 7 23.60 -7.83 -1.87
CA ASN A 7 24.16 -7.83 -3.22
CA ASN A 7 24.17 -7.80 -3.21
C ASN A 7 24.92 -9.12 -3.48
C ASN A 7 25.00 -9.06 -3.45
N ASP A 8 25.45 -9.26 -4.69
CA ASP A 8 26.16 -10.49 -5.05
C ASP A 8 27.43 -10.72 -4.24
N GLU A 9 27.98 -9.65 -3.65
CA GLU A 9 29.20 -9.78 -2.85
C GLU A 9 28.90 -10.33 -1.47
N ASN A 10 27.99 -9.67 -0.76
CA ASN A 10 27.68 -10.08 0.61
C ASN A 10 26.62 -11.17 0.71
N PHE A 11 26.21 -11.75 -0.42
CA PHE A 11 25.10 -12.70 -0.41
C PHE A 11 25.37 -13.93 0.46
N ASP A 12 26.39 -14.69 0.10
CA ASP A 12 26.80 -15.85 0.86
C ASP A 12 27.06 -15.48 2.31
N GLU A 13 27.69 -14.33 2.50
CA GLU A 13 28.02 -13.88 3.85
C GLU A 13 26.77 -13.74 4.74
N VAL A 14 25.63 -13.35 4.16
CA VAL A 14 24.41 -13.21 4.94
C VAL A 14 23.47 -14.43 4.87
N ILE A 15 23.55 -15.21 3.80
CA ILE A 15 22.58 -16.29 3.63
C ILE A 15 23.10 -17.70 3.94
N LYS A 16 24.36 -17.97 3.63
CA LYS A 16 24.94 -19.29 3.85
C LYS A 16 25.79 -19.36 5.11
N LYS A 17 25.79 -18.29 5.90
CA LYS A 17 26.60 -18.26 7.12
C LYS A 17 25.80 -17.99 8.39
N SER A 18 24.48 -17.90 8.24
CA SER A 18 23.60 -17.75 9.39
C SER A 18 22.90 -19.05 9.75
N ASP A 19 22.53 -19.20 11.02
CA ASP A 19 21.63 -20.27 11.43
C ASP A 19 20.18 -19.76 11.58
N LYS A 20 20.01 -18.44 11.50
CA LYS A 20 18.69 -17.82 11.71
C LYS A 20 17.96 -17.61 10.39
N VAL A 21 16.63 -17.61 10.42
CA VAL A 21 15.86 -17.49 9.20
C VAL A 21 16.09 -16.14 8.55
N VAL A 22 16.40 -16.16 7.26
CA VAL A 22 16.60 -14.95 6.49
C VAL A 22 15.38 -14.70 5.61
N VAL A 23 14.64 -13.63 5.90
CA VAL A 23 13.60 -13.18 4.97
C VAL A 23 14.22 -12.25 3.92
N VAL A 24 13.96 -12.53 2.65
CA VAL A 24 14.54 -11.75 1.56
C VAL A 24 13.48 -11.13 0.64
N ASP A 25 13.50 -9.81 0.55
CA ASP A 25 12.50 -9.07 -0.21
C ASP A 25 13.03 -8.64 -1.58
N PHE A 26 12.29 -9.00 -2.63
CA PHE A 26 12.73 -8.72 -3.96
C PHE A 26 11.92 -7.59 -4.48
N TRP A 27 12.57 -6.44 -4.69
CA TRP A 27 11.86 -5.24 -5.13
C TRP A 27 12.49 -4.55 -6.34
N ALA A 28 11.93 -3.38 -6.66
CA ALA A 28 12.49 -2.48 -7.66
C ALA A 28 11.80 -1.16 -7.48
N GLU A 29 12.46 -0.07 -7.84
CA GLU A 29 11.95 1.27 -7.62
C GLU A 29 10.64 1.58 -8.35
N TRP A 30 10.37 0.84 -9.42
CA TRP A 30 9.22 1.15 -10.29
C TRP A 30 7.99 0.36 -9.89
N CYS A 31 8.16 -0.52 -8.91
N CYS A 31 8.14 -0.48 -8.88
CA CYS A 31 7.07 -1.35 -8.44
CA CYS A 31 7.07 -1.36 -8.48
C CYS A 31 6.29 -0.68 -7.33
C CYS A 31 6.25 -0.78 -7.32
N GLY A 32 5.03 -0.35 -7.63
CA GLY A 32 4.11 0.18 -6.63
C GLY A 32 3.73 -0.79 -5.52
N PRO A 33 3.28 -2.02 -5.88
CA PRO A 33 2.96 -2.99 -4.82
C PRO A 33 4.09 -3.20 -3.83
N CYS A 34 5.33 -3.08 -4.29
N CYS A 34 5.32 -3.11 -4.30
CA CYS A 34 6.49 -3.23 -3.43
CA CYS A 34 6.50 -3.22 -3.42
C CYS A 34 6.47 -2.19 -2.31
C CYS A 34 6.45 -2.20 -2.29
N ARG A 35 5.97 -1.00 -2.60
CA ARG A 35 5.92 0.08 -1.64
C ARG A 35 4.97 -0.21 -0.47
N MET A 36 4.06 -1.17 -0.65
CA MET A 36 3.26 -1.67 0.46
C MET A 36 4.11 -2.49 1.45
N ILE A 37 4.93 -3.40 0.91
CA ILE A 37 5.76 -4.26 1.72
C ILE A 37 6.90 -3.54 2.47
N ALA A 38 7.61 -2.66 1.76
CA ALA A 38 8.78 -1.93 2.27
C ALA A 38 8.69 -1.48 3.73
N PRO A 39 7.61 -0.76 4.11
CA PRO A 39 7.56 -0.33 5.52
C PRO A 39 7.26 -1.47 6.52
N ILE A 40 6.64 -2.55 6.04
CA ILE A 40 6.25 -3.66 6.90
C ILE A 40 7.47 -4.51 7.24
N ILE A 41 8.25 -4.85 6.20
CA ILE A 41 9.49 -5.59 6.39
C ILE A 41 10.33 -4.86 7.42
N GLU A 42 10.38 -3.53 7.29
CA GLU A 42 11.19 -2.70 8.19
C GLU A 42 10.63 -2.69 9.62
N GLU A 43 9.32 -2.88 9.76
CA GLU A 43 8.71 -2.91 11.10
C GLU A 43 9.00 -4.23 11.79
N LEU A 44 8.82 -5.32 11.04
CA LEU A 44 9.13 -6.66 11.50
C LEU A 44 10.61 -6.86 11.86
N ALA A 45 11.50 -6.19 11.14
CA ALA A 45 12.92 -6.20 11.52
C ALA A 45 13.17 -5.52 12.88
N GLU A 46 12.16 -4.81 13.39
CA GLU A 46 12.23 -4.17 14.71
C GLU A 46 11.49 -4.97 15.78
N GLU A 47 10.42 -5.67 15.40
CA GLU A 47 9.76 -6.56 16.34
C GLU A 47 10.71 -7.72 16.73
N TYR A 48 11.28 -8.39 15.73
CA TYR A 48 12.24 -9.48 15.94
C TYR A 48 13.64 -8.95 16.23
N ALA A 49 13.97 -8.87 17.52
CA ALA A 49 15.25 -8.32 17.96
C ALA A 49 16.40 -9.22 17.55
N GLY A 50 16.78 -9.14 16.28
CA GLY A 50 17.88 -9.94 15.75
C GLY A 50 17.58 -11.41 15.75
N LYS A 51 16.30 -11.73 15.89
CA LYS A 51 15.85 -13.13 15.95
C LYS A 51 15.70 -13.69 14.54
N VAL A 52 15.34 -12.82 13.61
CA VAL A 52 15.27 -13.16 12.19
C VAL A 52 16.00 -12.06 11.44
N VAL A 53 16.79 -12.45 10.44
CA VAL A 53 17.46 -11.48 9.60
C VAL A 53 16.54 -11.05 8.45
N PHE A 54 16.52 -9.75 8.14
CA PHE A 54 15.75 -9.25 7.01
C PHE A 54 16.65 -8.56 5.98
N GLY A 55 16.43 -8.90 4.71
CA GLY A 55 17.30 -8.42 3.66
C GLY A 55 16.58 -8.06 2.38
N LYS A 56 17.16 -7.14 1.61
CA LYS A 56 16.53 -6.65 0.39
C LYS A 56 17.40 -6.91 -0.81
N VAL A 57 16.78 -7.41 -1.89
CA VAL A 57 17.46 -7.51 -3.17
C VAL A 57 16.77 -6.68 -4.26
N ASN A 58 17.49 -5.74 -4.85
CA ASN A 58 16.97 -4.93 -5.94
C ASN A 58 17.10 -5.71 -7.25
N VAL A 59 15.98 -6.16 -7.81
CA VAL A 59 16.06 -7.03 -8.98
C VAL A 59 16.66 -6.35 -10.20
N ASP A 60 16.63 -5.03 -10.23
CA ASP A 60 17.27 -4.33 -11.33
C ASP A 60 18.79 -4.46 -11.18
N GLU A 61 19.32 -4.05 -10.03
CA GLU A 61 20.76 -4.06 -9.79
C GLU A 61 21.34 -5.48 -9.81
N ASN A 62 20.48 -6.45 -9.49
CA ASN A 62 20.91 -7.84 -9.40
C ASN A 62 19.94 -8.78 -10.13
N PRO A 63 19.82 -8.62 -11.47
CA PRO A 63 18.83 -9.39 -12.24
C PRO A 63 19.11 -10.88 -12.25
N GLU A 64 20.39 -11.24 -12.05
CA GLU A 64 20.84 -12.62 -12.13
C GLU A 64 20.53 -13.47 -10.89
N ILE A 65 20.55 -12.86 -9.71
CA ILE A 65 20.22 -13.60 -8.49
C ILE A 65 18.72 -13.88 -8.44
N ALA A 66 17.94 -12.92 -8.92
CA ALA A 66 16.52 -13.13 -9.14
C ALA A 66 16.34 -14.36 -10.00
N ALA A 67 17.13 -14.40 -11.07
CA ALA A 67 17.10 -15.49 -12.03
C ALA A 67 17.36 -16.83 -11.36
N LYS A 68 18.40 -16.92 -10.54
CA LYS A 68 18.71 -18.18 -9.87
C LYS A 68 17.56 -18.79 -9.05
N TYR A 69 16.82 -17.98 -8.32
CA TYR A 69 15.74 -18.51 -7.48
C TYR A 69 14.36 -18.40 -8.14
N GLY A 70 14.37 -18.20 -9.46
CA GLY A 70 13.14 -18.12 -10.22
C GLY A 70 12.12 -17.11 -9.72
N ILE A 71 12.52 -15.85 -9.67
CA ILE A 71 11.60 -14.81 -9.25
C ILE A 71 10.88 -14.25 -10.48
N MET A 72 9.72 -14.81 -10.78
CA MET A 72 8.95 -14.40 -11.95
C MET A 72 8.36 -13.00 -11.84
N SER A 73 7.96 -12.58 -10.64
CA SER A 73 7.34 -11.27 -10.47
C SER A 73 7.50 -10.71 -9.06
N ILE A 74 7.49 -9.37 -8.94
CA ILE A 74 7.65 -8.71 -7.66
C ILE A 74 6.39 -7.95 -7.25
N PRO A 75 6.16 -7.82 -5.93
CA PRO A 75 7.03 -8.24 -4.82
C PRO A 75 6.91 -9.72 -4.49
N THR A 76 7.96 -10.26 -3.88
CA THR A 76 8.05 -11.67 -3.54
C THR A 76 9.01 -11.78 -2.37
N LEU A 77 8.62 -12.54 -1.34
CA LEU A 77 9.49 -12.79 -0.21
C LEU A 77 9.97 -14.25 -0.28
N LEU A 78 11.27 -14.48 -0.13
CA LEU A 78 11.81 -15.83 0.07
C LEU A 78 12.27 -16.03 1.51
N PHE A 79 11.99 -17.20 2.08
CA PHE A 79 12.46 -17.52 3.42
C PHE A 79 13.61 -18.51 3.30
N PHE A 80 14.80 -18.09 3.74
CA PHE A 80 15.99 -18.92 3.62
C PHE A 80 16.33 -19.51 4.97
N LYS A 81 16.69 -20.79 4.99
CA LYS A 81 17.07 -21.46 6.22
C LYS A 81 18.21 -22.42 5.91
N ASN A 82 19.38 -22.15 6.49
CA ASN A 82 20.58 -22.93 6.21
C ASN A 82 21.00 -22.89 4.74
N GLY A 83 20.93 -21.71 4.14
CA GLY A 83 21.36 -21.54 2.75
C GLY A 83 20.32 -21.88 1.69
N LYS A 84 19.33 -22.71 2.03
CA LYS A 84 18.37 -23.15 1.04
C LYS A 84 16.95 -22.61 1.28
N VAL A 85 16.29 -22.23 0.19
CA VAL A 85 14.93 -21.71 0.24
C VAL A 85 13.97 -22.70 0.89
N VAL A 86 13.24 -22.25 1.91
CA VAL A 86 12.23 -23.11 2.56
C VAL A 86 10.80 -22.61 2.37
N ASP A 87 10.63 -21.37 1.89
CA ASP A 87 9.30 -20.80 1.70
C ASP A 87 9.30 -19.57 0.76
N GLN A 88 8.18 -19.38 0.07
CA GLN A 88 8.03 -18.34 -0.94
C GLN A 88 6.66 -17.67 -0.78
N LEU A 89 6.66 -16.35 -0.72
CA LEU A 89 5.41 -15.59 -0.66
C LEU A 89 5.35 -14.58 -1.80
N VAL A 90 4.41 -14.80 -2.70
CA VAL A 90 4.25 -13.96 -3.89
C VAL A 90 3.09 -13.00 -3.74
N GLY A 91 3.36 -11.71 -3.89
CA GLY A 91 2.37 -10.66 -3.70
C GLY A 91 2.40 -10.10 -2.30
N ALA A 92 1.97 -8.84 -2.17
CA ALA A 92 1.85 -8.15 -0.87
C ALA A 92 0.74 -8.71 0.05
N ARG A 93 1.12 -8.95 1.30
CA ARG A 93 0.20 -9.48 2.30
C ARG A 93 0.33 -8.71 3.61
N PRO A 94 -0.82 -8.54 4.32
CA PRO A 94 -0.92 -7.94 5.66
C PRO A 94 0.20 -8.32 6.63
N LYS A 95 0.64 -7.35 7.44
CA LYS A 95 1.70 -7.60 8.44
C LYS A 95 1.43 -8.86 9.27
N GLU A 96 0.18 -9.04 9.67
CA GLU A 96 -0.19 -10.18 10.51
C GLU A 96 0.02 -11.51 9.79
N ALA A 97 -0.25 -11.53 8.50
CA ALA A 97 -0.17 -12.77 7.75
C ALA A 97 1.29 -13.16 7.51
N LEU A 98 2.18 -12.18 7.49
CA LEU A 98 3.62 -12.43 7.35
C LEU A 98 4.17 -13.05 8.64
N LYS A 99 3.77 -12.45 9.75
CA LYS A 99 4.11 -12.93 11.09
C LYS A 99 3.61 -14.37 11.33
N GLU A 100 2.55 -14.77 10.63
CA GLU A 100 2.01 -16.12 10.75
C GLU A 100 2.83 -17.17 9.99
N ARG A 101 3.52 -16.74 8.95
CA ARG A 101 4.31 -17.68 8.15
C ARG A 101 5.71 -17.73 8.73
N ILE A 102 6.12 -16.64 9.36
CA ILE A 102 7.44 -16.60 9.94
C ILE A 102 7.55 -17.54 11.13
N LYS A 103 6.56 -17.48 12.04
CA LYS A 103 6.63 -18.23 13.30
C LYS A 103 7.00 -19.70 13.13
N LYS A 104 6.46 -20.31 12.09
CA LYS A 104 6.75 -21.70 11.73
C LYS A 104 8.26 -21.99 11.72
N TYR A 105 9.05 -21.05 11.18
CA TYR A 105 10.48 -21.29 10.98
C TYR A 105 11.41 -20.80 12.10
N LEU A 106 10.85 -20.16 13.12
CA LEU A 106 11.64 -19.71 14.27
C LEU A 106 12.47 -20.83 14.87
N SER B 2 -28.03 -10.25 3.71
CA SER B 2 -28.03 -9.93 2.28
C SER B 2 -26.63 -9.56 1.80
N VAL B 3 -25.62 -9.79 2.64
CA VAL B 3 -24.25 -9.42 2.34
C VAL B 3 -23.49 -10.48 1.51
N ILE B 4 -23.07 -10.11 0.31
CA ILE B 4 -22.49 -11.07 -0.62
C ILE B 4 -21.01 -11.35 -0.37
N GLU B 5 -20.61 -12.57 -0.68
CA GLU B 5 -19.20 -12.92 -0.59
C GLU B 5 -18.53 -12.57 -1.90
N ILE B 6 -17.50 -11.75 -1.82
CA ILE B 6 -16.79 -11.33 -3.02
C ILE B 6 -15.44 -12.02 -3.14
N ASN B 7 -15.21 -12.63 -4.29
CA ASN B 7 -13.94 -13.29 -4.60
C ASN B 7 -13.41 -12.80 -5.95
N ASP B 8 -12.27 -13.33 -6.36
CA ASP B 8 -11.65 -13.00 -7.63
C ASP B 8 -12.60 -13.06 -8.82
N GLU B 9 -13.40 -14.12 -8.88
CA GLU B 9 -14.27 -14.28 -10.04
C GLU B 9 -15.38 -13.25 -10.14
N ASN B 10 -16.15 -13.09 -9.08
CA ASN B 10 -17.35 -12.26 -9.14
C ASN B 10 -17.13 -10.76 -8.86
N PHE B 11 -15.87 -10.33 -8.77
CA PHE B 11 -15.60 -8.93 -8.40
C PHE B 11 -15.99 -7.93 -9.49
N ASP B 12 -15.44 -8.11 -10.68
CA ASP B 12 -15.76 -7.27 -11.81
C ASP B 12 -17.28 -7.14 -11.92
N GLU B 13 -17.97 -8.28 -11.80
CA GLU B 13 -19.43 -8.36 -11.89
C GLU B 13 -20.21 -7.52 -10.86
N VAL B 14 -19.73 -7.50 -9.62
CA VAL B 14 -20.41 -6.79 -8.53
C VAL B 14 -20.19 -5.28 -8.65
N ILE B 15 -18.99 -4.93 -9.09
CA ILE B 15 -18.54 -3.55 -9.13
C ILE B 15 -19.03 -2.78 -10.36
N LYS B 16 -19.01 -3.42 -11.52
CA LYS B 16 -19.42 -2.76 -12.77
C LYS B 16 -20.88 -3.03 -13.11
N LYS B 17 -21.70 -3.27 -12.08
CA LYS B 17 -23.09 -3.63 -12.29
C LYS B 17 -24.04 -2.43 -12.28
N SER B 18 -23.98 -1.62 -11.23
CA SER B 18 -25.04 -0.64 -10.97
C SER B 18 -24.58 0.73 -10.46
N ASP B 19 -25.48 1.70 -10.60
CA ASP B 19 -25.28 3.06 -10.10
C ASP B 19 -25.18 3.09 -8.57
N LYS B 20 -25.91 2.18 -7.93
CA LYS B 20 -25.91 2.06 -6.48
C LYS B 20 -24.50 1.88 -5.95
N VAL B 21 -24.21 2.59 -4.85
CA VAL B 21 -22.90 2.51 -4.21
C VAL B 21 -22.73 1.11 -3.65
N VAL B 22 -21.55 0.52 -3.86
CA VAL B 22 -21.26 -0.75 -3.23
C VAL B 22 -20.22 -0.59 -2.14
N VAL B 23 -20.48 -1.24 -1.01
CA VAL B 23 -19.62 -1.14 0.14
C VAL B 23 -18.94 -2.49 0.35
N VAL B 24 -17.61 -2.49 0.50
CA VAL B 24 -16.85 -3.74 0.58
C VAL B 24 -15.96 -3.81 1.83
N ASP B 25 -16.26 -4.78 2.69
CA ASP B 25 -15.50 -4.97 3.93
C ASP B 25 -14.35 -5.95 3.71
N PHE B 26 -13.14 -5.53 4.04
CA PHE B 26 -11.97 -6.39 3.92
C PHE B 26 -11.66 -7.00 5.26
N TRP B 27 -11.71 -8.33 5.33
CA TRP B 27 -11.56 -9.01 6.61
C TRP B 27 -10.71 -10.31 6.56
N ALA B 28 -10.53 -10.92 7.72
CA ALA B 28 -9.69 -12.09 7.87
C ALA B 28 -9.97 -12.71 9.23
N GLU B 29 -9.78 -14.03 9.33
CA GLU B 29 -10.13 -14.76 10.56
C GLU B 29 -9.22 -14.35 11.69
N TRP B 30 -7.97 -13.99 11.35
CA TRP B 30 -7.02 -13.56 12.39
C TRP B 30 -7.32 -12.15 12.96
N CYS B 31 -8.33 -11.48 12.41
CA CYS B 31 -8.62 -10.14 12.88
C CYS B 31 -9.71 -10.05 13.96
N GLY B 32 -9.28 -9.85 15.20
CA GLY B 32 -10.17 -9.54 16.32
C GLY B 32 -11.34 -8.61 16.02
N PRO B 33 -11.06 -7.32 15.72
CA PRO B 33 -12.12 -6.30 15.54
C PRO B 33 -13.07 -6.62 14.40
N CYS B 34 -12.61 -7.40 13.44
CA CYS B 34 -13.42 -7.86 12.33
C CYS B 34 -14.66 -8.62 12.82
N ARG B 35 -14.53 -9.28 13.96
CA ARG B 35 -15.62 -10.04 14.52
C ARG B 35 -16.75 -9.14 15.01
N MET B 36 -16.41 -7.97 15.53
CA MET B 36 -17.47 -7.07 15.98
C MET B 36 -18.18 -6.46 14.79
N ILE B 37 -17.39 -6.18 13.75
CA ILE B 37 -17.87 -5.49 12.55
C ILE B 37 -18.75 -6.36 11.66
N ALA B 38 -18.41 -7.65 11.53
CA ALA B 38 -19.21 -8.57 10.73
C ALA B 38 -20.73 -8.47 10.99
N PRO B 39 -21.17 -8.66 12.25
CA PRO B 39 -22.63 -8.60 12.42
C PRO B 39 -23.20 -7.20 12.19
N ILE B 40 -22.43 -6.15 12.44
CA ILE B 40 -22.92 -4.80 12.21
C ILE B 40 -23.28 -4.57 10.75
N ILE B 41 -22.40 -4.97 9.85
CA ILE B 41 -22.61 -4.87 8.40
C ILE B 41 -23.84 -5.65 7.92
N GLU B 42 -24.08 -6.80 8.52
CA GLU B 42 -25.23 -7.63 8.15
C GLU B 42 -26.51 -6.90 8.52
N GLU B 43 -26.46 -6.12 9.60
CA GLU B 43 -27.59 -5.32 10.03
C GLU B 43 -27.92 -4.25 8.99
N LEU B 44 -26.90 -3.51 8.57
CA LEU B 44 -27.06 -2.49 7.53
C LEU B 44 -27.53 -3.10 6.19
N ALA B 45 -27.23 -4.37 5.97
CA ALA B 45 -27.71 -5.07 4.77
C ALA B 45 -29.23 -5.05 4.72
N GLU B 46 -29.85 -5.46 5.83
CA GLU B 46 -31.30 -5.53 5.91
C GLU B 46 -31.91 -4.15 5.81
N GLU B 47 -31.28 -3.17 6.45
CA GLU B 47 -31.76 -1.80 6.45
C GLU B 47 -31.79 -1.18 5.05
N TYR B 48 -30.61 -1.03 4.47
CA TYR B 48 -30.47 -0.38 3.18
C TYR B 48 -30.66 -1.33 1.99
N ALA B 49 -31.35 -2.44 2.20
CA ALA B 49 -31.55 -3.40 1.12
C ALA B 49 -32.28 -2.73 -0.03
N GLY B 50 -31.79 -2.96 -1.25
CA GLY B 50 -32.37 -2.37 -2.44
C GLY B 50 -31.84 -0.98 -2.73
N LYS B 51 -31.06 -0.43 -1.80
CA LYS B 51 -30.56 0.93 -1.94
C LYS B 51 -29.01 0.97 -1.99
N VAL B 52 -28.38 0.18 -1.15
CA VAL B 52 -26.92 0.05 -1.12
C VAL B 52 -26.53 -1.42 -1.15
N VAL B 53 -25.59 -1.78 -2.03
CA VAL B 53 -25.12 -3.16 -2.13
C VAL B 53 -23.87 -3.39 -1.27
N PHE B 54 -23.88 -4.48 -0.48
CA PHE B 54 -22.79 -4.79 0.44
C PHE B 54 -22.10 -6.10 0.10
N GLY B 55 -20.79 -6.12 0.22
CA GLY B 55 -20.01 -7.33 0.01
C GLY B 55 -18.78 -7.39 0.91
N LYS B 56 -18.26 -8.60 1.10
CA LYS B 56 -17.06 -8.77 1.92
C LYS B 56 -16.04 -9.56 1.12
N VAL B 57 -14.77 -9.36 1.46
CA VAL B 57 -13.67 -10.12 0.84
C VAL B 57 -12.68 -10.58 1.89
N ASN B 58 -12.52 -11.89 2.01
CA ASN B 58 -11.48 -12.46 2.86
C ASN B 58 -10.12 -12.22 2.20
N VAL B 59 -9.29 -11.38 2.81
CA VAL B 59 -8.00 -11.06 2.17
C VAL B 59 -7.05 -12.24 2.13
N ASP B 60 -7.22 -13.21 3.01
CA ASP B 60 -6.39 -14.43 2.98
C ASP B 60 -6.72 -15.22 1.72
N GLU B 61 -8.01 -15.26 1.37
CA GLU B 61 -8.50 -16.08 0.27
C GLU B 61 -8.46 -15.38 -1.10
N ASN B 62 -8.42 -14.05 -1.09
CA ASN B 62 -8.29 -13.26 -2.30
C ASN B 62 -7.20 -12.23 -2.14
N PRO B 63 -5.97 -12.69 -1.92
CA PRO B 63 -4.87 -11.78 -1.57
C PRO B 63 -4.58 -10.82 -2.72
N GLU B 64 -4.93 -11.22 -3.94
CA GLU B 64 -4.64 -10.43 -5.12
C GLU B 64 -5.56 -9.23 -5.21
N ILE B 65 -6.80 -9.40 -4.80
CA ILE B 65 -7.72 -8.27 -4.73
C ILE B 65 -7.16 -7.18 -3.82
N ALA B 66 -6.96 -7.52 -2.55
CA ALA B 66 -6.41 -6.59 -1.55
C ALA B 66 -5.15 -5.85 -2.05
N ALA B 67 -4.33 -6.54 -2.84
CA ALA B 67 -3.12 -5.95 -3.38
C ALA B 67 -3.40 -4.85 -4.42
N LYS B 68 -4.32 -5.11 -5.34
CA LYS B 68 -4.76 -4.13 -6.31
C LYS B 68 -5.19 -2.79 -5.69
N TYR B 69 -5.90 -2.83 -4.57
CA TYR B 69 -6.33 -1.57 -3.97
C TYR B 69 -5.49 -1.15 -2.77
N GLY B 70 -4.35 -1.80 -2.59
CA GLY B 70 -3.45 -1.43 -1.51
C GLY B 70 -4.01 -1.55 -0.11
N ILE B 71 -4.99 -2.43 0.09
CA ILE B 71 -5.61 -2.66 1.38
C ILE B 71 -4.67 -3.53 2.22
N MET B 72 -3.73 -2.90 2.90
CA MET B 72 -2.75 -3.64 3.68
C MET B 72 -3.01 -3.62 5.18
N SER B 73 -4.12 -2.98 5.58
CA SER B 73 -4.50 -2.90 6.98
C SER B 73 -5.98 -3.24 7.16
N ILE B 74 -6.28 -4.26 7.97
CA ILE B 74 -7.67 -4.62 8.18
C ILE B 74 -8.10 -4.47 9.63
N PRO B 75 -9.39 -4.18 9.85
CA PRO B 75 -10.45 -4.03 8.85
C PRO B 75 -10.37 -2.70 8.09
N THR B 76 -10.93 -2.70 6.89
CA THR B 76 -11.04 -1.52 6.06
C THR B 76 -12.36 -1.64 5.31
N LEU B 77 -12.98 -0.51 4.97
CA LEU B 77 -14.12 -0.50 4.07
C LEU B 77 -13.78 0.27 2.81
N LEU B 78 -14.27 -0.20 1.67
CA LEU B 78 -14.18 0.57 0.41
C LEU B 78 -15.57 0.86 -0.14
N PHE B 79 -15.70 2.03 -0.76
CA PHE B 79 -16.95 2.45 -1.37
C PHE B 79 -16.70 2.63 -2.86
N PHE B 80 -17.41 1.87 -3.70
CA PHE B 80 -17.36 2.03 -5.16
C PHE B 80 -18.69 2.58 -5.67
N LYS B 81 -18.60 3.61 -6.52
CA LYS B 81 -19.71 4.00 -7.38
C LYS B 81 -19.20 3.89 -8.81
N ASN B 82 -20.05 3.38 -9.70
CA ASN B 82 -19.69 3.26 -11.12
C ASN B 82 -18.29 2.72 -11.40
N GLY B 83 -17.94 1.63 -10.73
CA GLY B 83 -16.67 0.97 -10.97
C GLY B 83 -15.47 1.64 -10.34
N LYS B 84 -15.66 2.85 -9.82
CA LYS B 84 -14.56 3.58 -9.20
C LYS B 84 -14.70 3.78 -7.69
N VAL B 85 -13.66 3.40 -6.95
CA VAL B 85 -13.57 3.65 -5.50
C VAL B 85 -13.57 5.14 -5.16
N VAL B 86 -14.63 5.58 -4.48
CA VAL B 86 -14.85 6.99 -4.19
C VAL B 86 -14.57 7.28 -2.71
N ASP B 87 -14.27 6.24 -1.95
CA ASP B 87 -14.01 6.41 -0.52
C ASP B 87 -13.36 5.18 0.13
N GLN B 88 -12.62 5.41 1.22
CA GLN B 88 -11.95 4.36 1.98
C GLN B 88 -11.97 4.65 3.50
N LEU B 89 -12.37 3.67 4.30
CA LEU B 89 -12.48 3.84 5.75
C LEU B 89 -11.70 2.79 6.51
N VAL B 90 -10.55 3.21 7.05
CA VAL B 90 -9.64 2.30 7.74
C VAL B 90 -10.08 2.13 9.20
N GLY B 91 -9.94 0.92 9.71
CA GLY B 91 -10.22 0.68 11.10
C GLY B 91 -11.70 0.63 11.37
N ALA B 92 -12.04 -0.11 12.41
CA ALA B 92 -13.42 -0.25 12.88
C ALA B 92 -14.08 1.10 13.22
N ARG B 93 -15.22 1.37 12.60
CA ARG B 93 -15.96 2.63 12.76
C ARG B 93 -17.31 2.45 13.43
N PRO B 94 -17.75 3.45 14.18
CA PRO B 94 -19.07 3.35 14.83
C PRO B 94 -20.18 3.23 13.78
N LYS B 95 -21.11 2.30 13.97
CA LYS B 95 -22.20 2.08 13.01
C LYS B 95 -22.87 3.34 12.44
N GLU B 96 -23.24 4.27 13.32
CA GLU B 96 -23.88 5.53 12.92
C GLU B 96 -23.01 6.40 12.02
N ALA B 97 -21.69 6.23 12.11
CA ALA B 97 -20.78 6.98 11.26
C ALA B 97 -20.86 6.49 9.82
N LEU B 98 -21.14 5.20 9.68
CA LEU B 98 -21.30 4.60 8.37
C LEU B 98 -22.56 5.13 7.71
N LYS B 99 -23.68 5.10 8.44
CA LYS B 99 -24.94 5.65 7.94
C LYS B 99 -24.76 7.04 7.31
N GLU B 100 -23.94 7.87 7.95
CA GLU B 100 -23.66 9.22 7.47
C GLU B 100 -22.84 9.19 6.18
N ARG B 101 -21.80 8.36 6.14
CA ARG B 101 -20.97 8.21 4.93
C ARG B 101 -21.84 7.77 3.77
N ILE B 102 -22.81 6.91 4.08
CA ILE B 102 -23.72 6.38 3.09
C ILE B 102 -24.73 7.43 2.59
N LYS B 103 -25.10 8.41 3.43
CA LYS B 103 -26.13 9.38 3.05
C LYS B 103 -25.78 10.14 1.76
N LYS B 104 -24.54 10.64 1.68
CA LYS B 104 -24.12 11.39 0.50
C LYS B 104 -24.17 10.55 -0.78
N TYR B 105 -24.06 9.23 -0.63
CA TYR B 105 -24.03 8.31 -1.77
C TYR B 105 -25.39 7.73 -2.14
N LEU B 106 -26.47 8.39 -1.73
CA LEU B 106 -27.81 7.97 -2.15
C LEU B 106 -28.78 9.14 -2.24
N SER C 2 5.82 26.08 1.52
CA SER C 2 4.60 25.66 0.83
C SER C 2 4.79 24.41 -0.05
N VAL C 3 4.40 24.51 -1.33
CA VAL C 3 4.53 23.37 -2.25
C VAL C 3 5.62 23.58 -3.28
N ILE C 4 6.73 22.91 -3.07
CA ILE C 4 7.89 23.05 -3.93
C ILE C 4 7.67 22.46 -5.33
N GLU C 5 8.04 23.20 -6.37
CA GLU C 5 8.08 22.63 -7.72
C GLU C 5 9.35 21.79 -7.83
N ILE C 6 9.22 20.53 -8.20
CA ILE C 6 10.39 19.65 -8.20
C ILE C 6 10.70 19.01 -9.56
N ASN C 7 11.99 19.01 -9.91
CA ASN C 7 12.46 18.42 -11.15
C ASN C 7 13.79 17.68 -10.95
N ASP C 8 14.46 17.42 -12.07
CA ASP C 8 15.75 16.72 -12.09
C ASP C 8 16.86 17.45 -11.33
N GLU C 9 16.93 18.76 -11.49
CA GLU C 9 17.94 19.56 -10.79
C GLU C 9 17.88 19.33 -9.28
N ASN C 10 16.67 19.41 -8.72
CA ASN C 10 16.51 19.43 -7.26
C ASN C 10 16.02 18.14 -6.61
N PHE C 11 15.80 17.09 -7.38
CA PHE C 11 15.14 15.91 -6.84
C PHE C 11 15.93 15.23 -5.72
N ASP C 12 17.22 15.01 -5.95
CA ASP C 12 18.01 14.28 -4.98
C ASP C 12 18.09 15.11 -3.70
N GLU C 13 18.28 16.41 -3.87
CA GLU C 13 18.44 17.36 -2.78
C GLU C 13 17.34 17.33 -1.71
N VAL C 14 16.08 17.51 -2.11
CA VAL C 14 14.98 17.56 -1.14
C VAL C 14 14.64 16.18 -0.57
N ILE C 15 14.43 15.23 -1.45
CA ILE C 15 14.08 13.86 -1.10
C ILE C 15 15.03 13.26 -0.06
N LYS C 16 16.30 13.59 -0.17
CA LYS C 16 17.32 13.06 0.72
C LYS C 16 17.41 13.79 2.07
N LYS C 17 17.49 15.11 2.05
CA LYS C 17 17.86 15.89 3.23
C LYS C 17 16.78 16.05 4.31
N SER C 18 15.55 15.63 4.02
CA SER C 18 14.44 15.86 4.93
C SER C 18 14.36 14.85 6.09
N ASP C 19 14.42 15.37 7.31
CA ASP C 19 14.13 14.56 8.49
C ASP C 19 12.61 14.55 8.67
N LYS C 20 11.93 15.37 7.87
CA LYS C 20 10.46 15.39 7.82
C LYS C 20 9.96 14.51 6.68
N VAL C 21 8.76 13.97 6.84
CA VAL C 21 8.14 13.24 5.74
C VAL C 21 7.85 14.19 4.59
N VAL C 22 8.35 13.84 3.41
CA VAL C 22 8.04 14.58 2.21
C VAL C 22 7.04 13.79 1.40
N VAL C 23 5.95 14.45 1.03
CA VAL C 23 4.95 13.84 0.17
C VAL C 23 4.92 14.49 -1.20
N VAL C 24 5.12 13.67 -2.23
CA VAL C 24 5.23 14.17 -3.59
C VAL C 24 4.01 13.82 -4.45
N ASP C 25 3.41 14.84 -5.06
CA ASP C 25 2.29 14.64 -5.97
CA ASP C 25 2.31 14.58 -5.98
C ASP C 25 2.72 14.69 -7.44
N PHE C 26 2.30 13.70 -8.22
CA PHE C 26 2.59 13.69 -9.63
C PHE C 26 1.35 14.13 -10.38
N TRP C 27 1.50 15.13 -11.25
CA TRP C 27 0.35 15.84 -11.83
C TRP C 27 0.58 16.41 -13.23
N ALA C 28 -0.49 16.90 -13.84
CA ALA C 28 -0.46 17.55 -15.16
C ALA C 28 -1.58 18.60 -15.26
N GLU C 29 -1.42 19.58 -16.15
CA GLU C 29 -2.40 20.66 -16.20
C GLU C 29 -3.74 20.27 -16.82
N TRP C 30 -3.74 19.22 -17.62
CA TRP C 30 -4.95 18.80 -18.33
C TRP C 30 -5.74 17.75 -17.57
N CYS C 31 -5.18 17.31 -16.44
CA CYS C 31 -5.82 16.29 -15.62
C CYS C 31 -6.87 16.92 -14.71
N GLY C 32 -8.12 16.57 -14.96
CA GLY C 32 -9.22 17.08 -14.15
C GLY C 32 -9.07 16.78 -12.67
N PRO C 33 -8.88 15.49 -12.31
CA PRO C 33 -8.85 15.16 -10.88
C PRO C 33 -7.59 15.66 -10.21
N CYS C 34 -6.51 15.83 -10.97
CA CYS C 34 -5.28 16.38 -10.40
C CYS C 34 -5.52 17.82 -9.98
N ARG C 35 -6.41 18.50 -10.69
CA ARG C 35 -6.71 19.90 -10.42
C ARG C 35 -7.68 20.04 -9.26
N MET C 36 -8.52 19.03 -9.07
CA MET C 36 -9.43 18.98 -7.92
C MET C 36 -8.62 18.75 -6.65
N ILE C 37 -7.40 18.26 -6.84
CA ILE C 37 -6.55 17.77 -5.77
C ILE C 37 -5.59 18.85 -5.25
N ALA C 38 -5.09 19.70 -6.15
CA ALA C 38 -4.03 20.65 -5.83
C ALA C 38 -4.32 21.67 -4.71
N PRO C 39 -5.45 22.40 -4.80
CA PRO C 39 -5.75 23.27 -3.66
C PRO C 39 -5.85 22.50 -2.34
N ILE C 40 -6.40 21.29 -2.37
CA ILE C 40 -6.47 20.44 -1.19
C ILE C 40 -5.07 20.19 -0.61
N ILE C 41 -4.10 20.01 -1.51
CA ILE C 41 -2.69 19.87 -1.14
C ILE C 41 -2.14 21.18 -0.56
N GLU C 42 -2.50 22.29 -1.16
CA GLU C 42 -1.98 23.57 -0.73
C GLU C 42 -2.42 23.93 0.71
N GLU C 43 -3.62 23.51 1.09
CA GLU C 43 -4.16 23.78 2.43
C GLU C 43 -3.33 23.02 3.45
N LEU C 44 -3.03 21.77 3.10
CA LEU C 44 -2.29 20.88 3.97
C LEU C 44 -0.86 21.38 4.14
N ALA C 45 -0.35 22.02 3.09
CA ALA C 45 1.01 22.54 3.11
C ALA C 45 1.20 23.66 4.13
N GLU C 46 0.19 24.52 4.27
CA GLU C 46 0.25 25.61 5.24
C GLU C 46 -0.23 25.15 6.61
N GLU C 47 -1.10 24.15 6.64
CA GLU C 47 -1.54 23.54 7.89
C GLU C 47 -0.42 22.69 8.45
N TYR C 48 0.02 21.69 7.70
CA TYR C 48 1.17 20.89 8.08
C TYR C 48 2.45 21.54 7.57
N ALA C 49 2.75 22.73 8.08
CA ALA C 49 3.96 23.43 7.69
C ALA C 49 5.06 23.26 8.74
N GLY C 50 6.26 22.89 8.27
CA GLY C 50 7.35 22.52 9.16
C GLY C 50 7.06 21.18 9.78
N LYS C 51 6.07 20.48 9.24
CA LYS C 51 5.67 19.18 9.75
C LYS C 51 5.85 18.15 8.66
N VAL C 52 5.27 18.44 7.51
CA VAL C 52 5.49 17.65 6.33
C VAL C 52 5.85 18.57 5.17
N VAL C 53 6.52 18.04 4.16
CA VAL C 53 6.88 18.81 2.97
C VAL C 53 6.05 18.35 1.78
N PHE C 54 5.44 19.28 1.06
CA PHE C 54 4.71 18.92 -0.15
C PHE C 54 5.49 19.40 -1.35
N GLY C 55 5.70 18.51 -2.32
CA GLY C 55 6.36 18.87 -3.56
C GLY C 55 5.56 18.32 -4.71
N LYS C 56 5.63 18.95 -5.88
CA LYS C 56 4.91 18.46 -7.05
C LYS C 56 5.80 18.24 -8.27
N VAL C 57 5.69 17.07 -8.88
CA VAL C 57 6.43 16.75 -10.10
C VAL C 57 5.50 16.84 -11.28
N ASN C 58 5.77 17.72 -12.23
CA ASN C 58 4.96 17.76 -13.43
C ASN C 58 5.33 16.61 -14.39
N VAL C 59 4.43 15.63 -14.58
CA VAL C 59 4.77 14.44 -15.40
C VAL C 59 5.07 14.75 -16.86
N ASP C 60 4.56 15.86 -17.36
CA ASP C 60 4.82 16.26 -18.75
C ASP C 60 6.26 16.76 -18.97
N GLU C 61 6.81 17.46 -17.99
CA GLU C 61 8.12 18.06 -18.12
C GLU C 61 9.20 17.14 -17.56
N ASN C 62 8.78 16.18 -16.74
CA ASN C 62 9.73 15.22 -16.18
C ASN C 62 9.19 13.82 -16.29
N PRO C 63 9.02 13.32 -17.52
CA PRO C 63 8.49 11.97 -17.68
C PRO C 63 9.48 10.89 -17.21
N GLU C 64 10.76 11.27 -17.06
CA GLU C 64 11.75 10.29 -16.65
C GLU C 64 11.60 9.91 -15.19
N ILE C 65 11.38 10.92 -14.33
CA ILE C 65 11.19 10.66 -12.90
C ILE C 65 9.98 9.77 -12.68
N ALA C 66 8.89 10.06 -13.37
CA ALA C 66 7.68 9.24 -13.21
C ALA C 66 7.85 7.84 -13.75
N ALA C 67 8.65 7.68 -14.81
CA ALA C 67 8.89 6.34 -15.38
C ALA C 67 9.66 5.54 -14.34
N LYS C 68 10.63 6.20 -13.70
CA LYS C 68 11.48 5.59 -12.69
C LYS C 68 10.70 5.00 -11.51
N TYR C 69 9.77 5.76 -10.95
CA TYR C 69 8.99 5.22 -9.83
C TYR C 69 7.73 4.54 -10.34
N GLY C 70 7.72 4.27 -11.64
CA GLY C 70 6.61 3.59 -12.29
C GLY C 70 5.27 4.13 -11.87
N ILE C 71 4.99 5.39 -12.20
CA ILE C 71 3.70 5.96 -11.90
C ILE C 71 2.70 5.65 -13.00
N MET C 72 1.80 4.70 -12.77
CA MET C 72 0.86 4.34 -13.83
C MET C 72 -0.37 5.25 -13.93
N SER C 73 -0.87 5.71 -12.79
CA SER C 73 -2.05 6.57 -12.84
C SER C 73 -1.78 7.96 -12.28
N ILE C 74 -2.61 8.90 -12.68
CA ILE C 74 -2.47 10.28 -12.25
C ILE C 74 -3.85 10.80 -11.82
N PRO C 75 -3.96 11.35 -10.61
CA PRO C 75 -2.95 11.66 -9.60
C PRO C 75 -2.46 10.45 -8.82
N THR C 76 -1.21 10.54 -8.36
CA THR C 76 -0.63 9.58 -7.41
C THR C 76 0.23 10.38 -6.43
N LEU C 77 0.15 10.03 -5.15
CA LEU C 77 1.04 10.63 -4.15
C LEU C 77 2.00 9.57 -3.65
N LEU C 78 3.29 9.89 -3.60
CA LEU C 78 4.24 8.99 -3.00
C LEU C 78 4.66 9.63 -1.71
N PHE C 79 4.79 8.82 -0.66
CA PHE C 79 5.30 9.32 0.60
C PHE C 79 6.76 8.91 0.71
N PHE C 80 7.64 9.91 0.77
CA PHE C 80 9.05 9.64 0.97
C PHE C 80 9.42 9.79 2.43
N LYS C 81 10.24 8.87 2.93
CA LYS C 81 10.85 8.99 4.25
C LYS C 81 12.30 8.53 4.18
N ASN C 82 13.22 9.46 4.45
CA ASN C 82 14.66 9.20 4.40
C ASN C 82 15.17 8.67 3.05
N GLY C 83 14.54 9.09 1.96
CA GLY C 83 15.00 8.73 0.64
C GLY C 83 14.29 7.52 0.06
N LYS C 84 13.61 6.76 0.91
CA LYS C 84 12.87 5.61 0.43
C LYS C 84 11.38 5.88 0.51
N VAL C 85 10.64 5.38 -0.46
CA VAL C 85 9.20 5.56 -0.42
C VAL C 85 8.52 4.53 0.48
N VAL C 86 7.74 5.01 1.44
CA VAL C 86 7.10 4.12 2.42
C VAL C 86 5.57 4.04 2.28
N ASP C 87 5.01 4.84 1.37
CA ASP C 87 3.57 4.75 1.11
C ASP C 87 3.12 5.35 -0.22
N GLN C 88 1.84 5.16 -0.52
CA GLN C 88 1.29 5.41 -1.84
C GLN C 88 -0.20 5.69 -1.81
N LEU C 89 -0.62 6.70 -2.57
CA LEU C 89 -2.03 7.04 -2.65
C LEU C 89 -2.43 7.29 -4.09
N VAL C 90 -3.02 6.27 -4.71
CA VAL C 90 -3.36 6.31 -6.12
C VAL C 90 -4.84 6.67 -6.29
N GLY C 91 -5.12 7.69 -7.09
CA GLY C 91 -6.48 8.14 -7.28
C GLY C 91 -6.81 9.38 -6.47
N ALA C 92 -7.81 10.11 -6.93
CA ALA C 92 -8.23 11.34 -6.27
C ALA C 92 -8.72 11.00 -4.89
N ARG C 93 -8.52 11.93 -3.96
CA ARG C 93 -8.94 11.70 -2.59
C ARG C 93 -9.54 12.97 -2.00
N PRO C 94 -10.53 12.81 -1.10
CA PRO C 94 -11.12 13.89 -0.29
C PRO C 94 -10.11 14.52 0.67
N LYS C 95 -10.42 15.67 1.25
CA LYS C 95 -9.51 16.34 2.17
C LYS C 95 -9.20 15.46 3.38
N GLU C 96 -10.24 15.00 4.07
CA GLU C 96 -10.07 14.19 5.27
C GLU C 96 -9.39 12.86 4.97
N ALA C 97 -9.42 12.45 3.70
CA ALA C 97 -8.79 11.21 3.26
C ALA C 97 -7.28 11.32 3.35
N LEU C 98 -6.75 12.38 2.75
CA LEU C 98 -5.34 12.66 2.82
C LEU C 98 -4.96 12.76 4.27
N LYS C 99 -5.70 13.62 4.96
CA LYS C 99 -5.51 13.91 6.37
C LYS C 99 -5.19 12.65 7.15
N GLU C 100 -6.14 11.72 7.19
CA GLU C 100 -5.96 10.45 7.91
C GLU C 100 -4.62 9.79 7.58
N ARG C 101 -4.29 9.73 6.30
CA ARG C 101 -3.07 9.05 5.84
C ARG C 101 -1.81 9.75 6.30
N ILE C 102 -1.75 11.06 6.04
CA ILE C 102 -0.64 11.89 6.47
C ILE C 102 -0.40 11.88 7.99
N LYS C 103 -1.47 11.81 8.78
CA LYS C 103 -1.32 11.90 10.24
C LYS C 103 -0.54 10.71 10.83
N LYS C 104 -0.48 9.61 10.09
CA LYS C 104 0.29 8.45 10.53
C LYS C 104 1.80 8.68 10.43
N TYR C 105 2.19 9.79 9.81
CA TYR C 105 3.58 9.98 9.40
C TYR C 105 4.29 11.14 10.10
N LEU C 106 3.63 11.72 11.09
CA LEU C 106 4.21 12.78 11.93
C LEU C 106 4.76 13.97 11.13
#